data_7RAQ
#
_entry.id   7RAQ
#
_cell.length_a   60.173
_cell.length_b   60.173
_cell.length_c   285.825
_cell.angle_alpha   90.000
_cell.angle_beta   90.000
_cell.angle_gamma   120.000
#
_symmetry.space_group_name_H-M   'P 32 2 1'
#
loop_
_entity.id
_entity.type
_entity.pdbx_description
1 polymer 'CV3-25 Fab Heavy Chain'
2 polymer 'CV3-25 Fab Light Chain'
3 polymer 'spike stem helix peptide'
4 non-polymer GLYCEROL
5 non-polymer 'SULFATE ION'
6 water water
#
loop_
_entity_poly.entity_id
_entity_poly.type
_entity_poly.pdbx_seq_one_letter_code
_entity_poly.pdbx_strand_id
1 'polypeptide(L)'
;(PCA)VQLVESGAEVKKPGESLKISCKGSGYTFTRYWIGWVRQMPGKGLEWMGIIYPGDSDTRYSPSFQGHVTISADKSI
STAYLQWNSLKASDTAMYYCARLPQYCSNGVCQRWFDPWGQGTLVTVSSASTKGPSVFPLAPSSKSTSGGTAALGCLVKD
YFPEPVTVSWNSGALTSGVHTFPAVLQSSGLYSLSSVVTVPSSSLGTQTYICNVNHKPSNTKVDKKVEPKSCDKTH
;
H
2 'polypeptide(L)'
;EIVLTQSPSSVSASVGDRVTITCRASQGISSWLAWYQQKPGKAPKLLIYAASSLQSGVPSRFSGSGSGTDFTLTISSLQP
EDFATYYCQQGNSFPYTFGQGTNLEIKRTVAAPSVFIFPPSDEQLKSGTASVVCLLNNFYPREAKVQWKVDNALQSGNSQ
ESVTEQDSKDSTYSLSSTLTLSKADYEKHKVYACEVTHQGLSSPVTKSFNRGEC
;
L
3 'polypeptide(L)' KEELDKYFKNHTSPDVDLG P
#
loop_
_chem_comp.id
_chem_comp.type
_chem_comp.name
_chem_comp.formula
GOL non-polymer GLYCEROL 'C3 H8 O3'
SO4 non-polymer 'SULFATE ION' 'O4 S -2'
#
# COMPACT_ATOMS: atom_id res chain seq x y z
N PCA A 1 -9.63 2.58 19.69
CA PCA A 1 -10.76 1.77 20.10
CB PCA A 1 -11.84 2.25 19.12
CG PCA A 1 -11.06 2.78 17.92
CD PCA A 1 -9.68 3.02 18.44
OE PCA A 1 -8.73 3.54 17.83
C PCA A 1 -10.45 0.30 19.93
O PCA A 1 -9.48 -0.05 20.58
N VAL A 2 -11.22 -0.39 19.06
CA VAL A 2 -10.83 -1.78 18.76
C VAL A 2 -9.62 -1.76 17.82
N GLN A 3 -8.53 -2.39 18.23
CA GLN A 3 -7.29 -2.38 17.42
C GLN A 3 -6.59 -3.73 17.42
N LEU A 4 -6.06 -4.14 16.27
CA LEU A 4 -5.23 -5.31 16.12
C LEU A 4 -3.85 -4.79 15.68
N VAL A 5 -2.79 -5.13 16.43
CA VAL A 5 -1.45 -4.62 16.14
C VAL A 5 -0.60 -5.85 15.79
N GLU A 6 -0.05 -5.86 14.58
CA GLU A 6 0.92 -6.90 14.20
C GLU A 6 2.23 -6.21 13.88
N SER A 7 3.33 -6.97 13.74
CA SER A 7 4.54 -6.38 13.12
C SER A 7 4.35 -6.07 11.64
N GLY A 8 4.96 -4.97 11.18
CA GLY A 8 4.93 -4.58 9.80
C GLY A 8 5.83 -5.42 8.85
N ALA A 9 6.89 -6.07 9.39
CA ALA A 9 7.83 -6.84 8.56
C ALA A 9 8.66 -7.90 9.27
N GLU A 10 8.80 -9.06 8.64
CA GLU A 10 9.63 -10.17 9.12
C GLU A 10 10.36 -10.78 7.91
N VAL A 11 11.66 -11.04 8.08
CA VAL A 11 12.51 -11.59 7.02
C VAL A 11 13.18 -12.81 7.54
N LYS A 12 13.10 -13.91 6.76
CA LYS A 12 13.70 -15.16 7.13
C LYS A 12 14.29 -15.81 5.88
N LYS A 13 15.13 -16.82 6.10
CA LYS A 13 15.66 -17.69 5.06
C LYS A 13 14.76 -18.90 4.80
N PRO A 14 14.73 -19.45 3.56
CA PRO A 14 14.01 -20.68 3.29
C PRO A 14 14.41 -21.80 4.27
N GLY A 15 13.44 -22.61 4.72
CA GLY A 15 13.68 -23.63 5.70
C GLY A 15 13.57 -23.21 7.15
N GLU A 16 13.59 -21.90 7.42
CA GLU A 16 13.48 -21.40 8.78
C GLU A 16 12.01 -21.41 9.21
N SER A 17 11.81 -21.43 10.53
CA SER A 17 10.47 -21.32 11.11
C SER A 17 10.18 -19.87 11.40
N LEU A 18 8.90 -19.54 11.52
CA LEU A 18 8.48 -18.19 11.84
C LEU A 18 7.09 -18.22 12.47
N LYS A 19 6.92 -17.39 13.50
CA LYS A 19 5.66 -17.17 14.15
C LYS A 19 5.46 -15.69 14.25
N ILE A 20 4.38 -15.18 13.65
CA ILE A 20 4.04 -13.77 13.73
C ILE A 20 2.83 -13.59 14.66
N SER A 21 2.64 -12.37 15.14
CA SER A 21 1.66 -12.11 16.20
C SER A 21 0.74 -10.93 15.86
N CYS A 22 -0.41 -10.93 16.54
CA CYS A 22 -1.45 -9.95 16.38
C CYS A 22 -2.08 -9.79 17.77
N LYS A 23 -1.86 -8.63 18.37
CA LYS A 23 -2.34 -8.33 19.72
C LYS A 23 -3.62 -7.50 19.62
N GLY A 24 -4.72 -8.01 20.19
CA GLY A 24 -5.98 -7.30 20.20
C GLY A 24 -6.09 -6.44 21.45
N SER A 25 -6.67 -5.25 21.28
CA SER A 25 -7.06 -4.40 22.40
C SER A 25 -8.37 -3.66 22.11
N GLY A 26 -9.01 -3.16 23.18
CA GLY A 26 -10.21 -2.35 23.08
C GLY A 26 -11.48 -3.18 22.98
N TYR A 27 -11.36 -4.49 23.25
CA TYR A 27 -12.47 -5.47 23.22
C TYR A 27 -12.07 -6.72 24.00
N THR A 28 -13.03 -7.58 24.34
CA THR A 28 -12.73 -8.81 25.01
C THR A 28 -12.28 -9.87 24.01
N PHE A 29 -10.96 -10.11 24.02
CA PHE A 29 -10.26 -10.94 23.05
C PHE A 29 -10.82 -12.36 22.97
N THR A 30 -11.22 -12.93 24.12
CA THR A 30 -11.73 -14.31 24.17
C THR A 30 -13.11 -14.52 23.57
N ARG A 31 -13.82 -13.43 23.25
CA ARG A 31 -15.26 -13.47 22.86
C ARG A 31 -15.44 -13.35 21.35
N TYR A 32 -14.36 -13.23 20.57
CA TYR A 32 -14.47 -13.10 19.10
C TYR A 32 -13.50 -14.07 18.41
N TRP A 33 -14.01 -14.73 17.37
CA TRP A 33 -13.16 -15.40 16.43
C TRP A 33 -12.18 -14.37 15.84
N ILE A 34 -10.96 -14.83 15.56
CA ILE A 34 -9.92 -13.99 14.94
C ILE A 34 -9.17 -14.87 13.96
N GLY A 35 -8.66 -14.28 12.88
CA GLY A 35 -8.19 -15.07 11.79
C GLY A 35 -7.12 -14.38 10.98
N TRP A 36 -6.66 -15.09 9.94
CA TRP A 36 -5.57 -14.65 9.10
C TRP A 36 -5.95 -14.75 7.62
N VAL A 37 -5.45 -13.77 6.83
CA VAL A 37 -5.77 -13.64 5.44
C VAL A 37 -4.46 -13.28 4.73
N ARG A 38 -4.24 -13.88 3.56
CA ARG A 38 -3.03 -13.64 2.72
C ARG A 38 -3.39 -12.72 1.56
N GLN A 39 -2.54 -11.70 1.32
CA GLN A 39 -2.67 -10.80 0.19
C GLN A 39 -2.06 -11.50 -1.02
N MET A 40 -2.81 -11.57 -2.11
CA MET A 40 -2.33 -12.20 -3.36
C MET A 40 -1.64 -11.17 -4.25
N PRO A 41 -0.79 -11.59 -5.22
CA PRO A 41 -0.07 -10.63 -6.06
C PRO A 41 -1.03 -9.81 -6.94
N GLY A 42 -0.89 -8.47 -6.92
CA GLY A 42 -1.73 -7.61 -7.74
C GLY A 42 -3.05 -7.32 -7.07
N LYS A 43 -3.97 -8.29 -7.13
CA LYS A 43 -5.23 -8.24 -6.39
C LYS A 43 -5.55 -9.62 -5.86
N GLY A 44 -6.44 -9.66 -4.88
CA GLY A 44 -6.90 -10.93 -4.32
C GLY A 44 -6.57 -11.10 -2.86
N LEU A 45 -7.46 -11.80 -2.16
CA LEU A 45 -7.31 -12.12 -0.74
C LEU A 45 -7.72 -13.56 -0.50
N GLU A 46 -6.92 -14.29 0.29
CA GLU A 46 -7.20 -15.67 0.61
C GLU A 46 -7.27 -15.87 2.10
N TRP A 47 -8.44 -16.31 2.57
CA TRP A 47 -8.62 -16.65 3.95
C TRP A 47 -7.84 -17.91 4.28
N MET A 48 -7.12 -17.87 5.40
CA MET A 48 -6.24 -18.96 5.83
C MET A 48 -6.82 -19.81 6.97
N GLY A 49 -7.38 -19.14 7.99
CA GLY A 49 -7.99 -19.83 9.09
C GLY A 49 -8.49 -18.89 10.17
N ILE A 50 -9.17 -19.46 11.15
CA ILE A 50 -9.64 -18.73 12.33
C ILE A 50 -9.40 -19.54 13.57
N ILE A 51 -9.33 -18.82 14.70
CA ILE A 51 -9.26 -19.40 16.01
C ILE A 51 -10.23 -18.65 16.92
N TYR A 52 -10.84 -19.38 17.86
CA TYR A 52 -11.61 -18.78 18.97
C TYR A 52 -10.73 -18.73 20.21
N PRO A 53 -10.23 -17.56 20.63
CA PRO A 53 -9.23 -17.51 21.71
C PRO A 53 -9.77 -18.03 23.05
N GLY A 54 -11.09 -18.02 23.25
CA GLY A 54 -11.71 -18.57 24.45
C GLY A 54 -11.31 -20.01 24.76
N ASP A 55 -11.17 -20.82 23.70
CA ASP A 55 -10.83 -22.24 23.86
C ASP A 55 -9.86 -22.84 22.82
N SER A 56 -9.31 -21.99 21.95
CA SER A 56 -8.31 -22.38 20.96
C SER A 56 -8.80 -23.35 19.89
N ASP A 57 -10.12 -23.39 19.69
CA ASP A 57 -10.73 -24.12 18.61
C ASP A 57 -10.33 -23.40 17.30
N THR A 58 -9.87 -24.17 16.30
CA THR A 58 -9.37 -23.62 15.04
C THR A 58 -10.14 -24.22 13.88
N ARG A 59 -10.20 -23.49 12.78
CA ARG A 59 -10.71 -23.96 11.47
C ARG A 59 -9.80 -23.38 10.39
N TYR A 60 -9.30 -24.21 9.48
CA TYR A 60 -8.38 -23.79 8.39
C TYR A 60 -9.08 -23.91 7.03
N SER A 61 -8.69 -23.03 6.11
CA SER A 61 -8.98 -23.24 4.71
C SER A 61 -8.30 -24.52 4.24
N PRO A 62 -8.90 -25.30 3.30
CA PRO A 62 -8.26 -26.50 2.76
C PRO A 62 -6.92 -26.19 2.08
N SER A 63 -6.77 -24.97 1.53
CA SER A 63 -5.54 -24.55 0.91
C SER A 63 -4.38 -24.39 1.91
N PHE A 64 -4.70 -24.15 3.18
CA PHE A 64 -3.68 -23.84 4.19
C PHE A 64 -3.56 -24.87 5.32
N GLN A 65 -4.56 -25.75 5.42
CA GLN A 65 -4.54 -26.90 6.33
C GLN A 65 -3.21 -27.65 6.20
N GLY A 66 -2.49 -27.77 7.32
CA GLY A 66 -1.25 -28.50 7.38
C GLY A 66 -0.01 -27.77 6.92
N HIS A 67 -0.18 -26.56 6.37
CA HIS A 67 0.92 -25.72 5.95
C HIS A 67 1.28 -24.65 7.00
N VAL A 68 0.28 -24.25 7.80
CA VAL A 68 0.45 -23.23 8.84
C VAL A 68 -0.26 -23.67 10.11
N THR A 69 0.15 -23.08 11.23
CA THR A 69 -0.52 -23.28 12.51
C THR A 69 -0.96 -21.92 13.11
N ILE A 70 -2.25 -21.82 13.46
CA ILE A 70 -2.82 -20.67 14.13
C ILE A 70 -3.05 -21.04 15.57
N SER A 71 -2.68 -20.13 16.47
CA SER A 71 -2.78 -20.36 17.89
C SER A 71 -3.05 -19.04 18.57
N ALA A 72 -3.26 -19.11 19.89
CA ALA A 72 -3.60 -17.93 20.65
C ALA A 72 -3.19 -18.07 22.11
N ASP A 73 -2.76 -16.95 22.68
CA ASP A 73 -2.43 -16.85 24.09
C ASP A 73 -3.32 -15.76 24.69
N LYS A 74 -4.40 -16.18 25.34
CA LYS A 74 -5.40 -15.26 25.84
C LYS A 74 -4.90 -14.39 27.00
N SER A 75 -3.90 -14.88 27.74
CA SER A 75 -3.23 -14.11 28.81
C SER A 75 -2.84 -12.73 28.37
N ILE A 76 -2.30 -12.62 27.14
CA ILE A 76 -1.80 -11.39 26.59
C ILE A 76 -2.56 -11.02 25.31
N SER A 77 -3.78 -11.56 25.15
CA SER A 77 -4.70 -11.22 24.09
C SER A 77 -3.98 -11.18 22.72
N THR A 78 -3.36 -12.30 22.35
CA THR A 78 -2.50 -12.34 21.17
C THR A 78 -2.81 -13.59 20.41
N ALA A 79 -2.96 -13.47 19.09
CA ALA A 79 -3.15 -14.60 18.20
C ALA A 79 -1.86 -14.70 17.38
N TYR A 80 -1.61 -15.88 16.81
CA TYR A 80 -0.33 -16.19 16.13
C TYR A 80 -0.60 -16.98 14.86
N LEU A 81 0.31 -16.81 13.89
CA LEU A 81 0.33 -17.61 12.67
C LEU A 81 1.77 -18.08 12.55
N GLN A 82 1.95 -19.38 12.33
CA GLN A 82 3.27 -19.99 12.35
C GLN A 82 3.47 -20.94 11.18
N TRP A 83 4.70 -20.93 10.64
CA TRP A 83 5.14 -21.87 9.61
C TRP A 83 6.32 -22.63 10.20
N ASN A 84 6.38 -23.95 9.97
CA ASN A 84 7.49 -24.76 10.48
C ASN A 84 8.73 -24.59 9.63
N SER A 85 8.52 -24.54 8.30
CA SER A 85 9.57 -24.49 7.31
C SER A 85 9.15 -23.64 6.11
N LEU A 86 9.66 -22.41 6.07
CA LEU A 86 9.28 -21.42 5.08
C LEU A 86 9.87 -21.72 3.69
N LYS A 87 9.10 -21.38 2.65
CA LYS A 87 9.57 -21.32 1.25
C LYS A 87 9.61 -19.86 0.77
N ALA A 88 10.44 -19.57 -0.24
CA ALA A 88 10.54 -18.23 -0.79
C ALA A 88 9.17 -17.71 -1.28
N SER A 89 8.37 -18.62 -1.84
CA SER A 89 7.05 -18.31 -2.35
C SER A 89 5.96 -18.12 -1.26
N ASP A 90 6.31 -18.37 0.01
CA ASP A 90 5.48 -17.96 1.16
C ASP A 90 5.53 -16.43 1.39
N THR A 91 6.44 -15.73 0.71
CA THR A 91 6.51 -14.29 0.81
C THR A 91 5.16 -13.68 0.48
N ALA A 92 4.71 -12.77 1.36
CA ALA A 92 3.42 -12.07 1.19
C ALA A 92 3.14 -11.16 2.33
N MET A 93 2.21 -10.23 2.08
CA MET A 93 1.55 -9.49 3.15
C MET A 93 0.51 -10.40 3.76
N TYR A 94 0.56 -10.54 5.09
CA TYR A 94 -0.39 -11.34 5.90
C TYR A 94 -1.14 -10.39 6.83
N TYR A 95 -2.46 -10.54 6.91
CA TYR A 95 -3.32 -9.70 7.77
C TYR A 95 -3.94 -10.59 8.84
N CYS A 96 -4.04 -10.06 10.05
CA CYS A 96 -4.93 -10.64 11.02
C CYS A 96 -6.19 -9.76 11.04
N ALA A 97 -7.33 -10.37 11.36
CA ALA A 97 -8.59 -9.64 11.44
C ALA A 97 -9.48 -10.35 12.38
N ARG A 98 -10.25 -9.54 13.10
CA ARG A 98 -11.31 -10.03 13.99
C ARG A 98 -12.52 -10.44 13.14
N LEU A 99 -13.28 -11.46 13.57
CA LEU A 99 -14.48 -11.85 12.88
C LEU A 99 -15.70 -11.72 13.80
N PRO A 100 -16.37 -10.55 13.79
CA PRO A 100 -17.72 -10.44 14.35
C PRO A 100 -18.63 -11.45 13.64
N GLN A 101 -19.70 -11.88 14.33
CA GLN A 101 -20.60 -12.84 13.79
C GLN A 101 -22.04 -12.54 14.18
N TYR A 102 -22.96 -13.04 13.36
CA TYR A 102 -24.42 -13.09 13.61
C TYR A 102 -24.81 -14.57 13.60
N CYS A 103 -25.49 -15.03 14.64
CA CYS A 103 -25.83 -16.42 14.77
C CYS A 103 -27.31 -16.48 15.08
N SER A 104 -27.95 -17.55 14.59
CA SER A 104 -29.25 -17.98 15.09
C SER A 104 -29.20 -19.49 15.22
N ASN A 105 -29.72 -20.00 16.35
CA ASN A 105 -29.66 -21.40 16.72
C ASN A 105 -28.30 -22.09 16.52
N GLY A 106 -27.22 -21.38 16.88
CA GLY A 106 -25.89 -21.94 16.89
C GLY A 106 -25.20 -21.99 15.54
N VAL A 107 -25.85 -21.43 14.50
CA VAL A 107 -25.27 -21.38 13.17
C VAL A 107 -24.82 -19.92 12.91
N CYS A 108 -23.53 -19.73 12.64
CA CYS A 108 -22.94 -18.38 12.59
C CYS A 108 -22.43 -17.97 11.22
N GLN A 109 -22.62 -16.68 10.90
CA GLN A 109 -22.14 -16.06 9.67
C GLN A 109 -21.21 -14.92 10.09
N ARG A 110 -20.13 -14.75 9.34
CA ARG A 110 -18.95 -14.00 9.83
C ARG A 110 -18.44 -13.06 8.73
N TRP A 111 -17.87 -11.95 9.17
CA TRP A 111 -17.15 -11.04 8.30
C TRP A 111 -15.92 -10.57 9.10
N PHE A 112 -15.09 -9.71 8.50
CA PHE A 112 -13.77 -9.35 9.01
C PHE A 112 -13.73 -7.88 9.41
N ASP A 113 -13.64 -7.59 10.71
CA ASP A 113 -13.65 -6.24 11.18
C ASP A 113 -13.21 -6.12 12.64
N PRO A 114 -12.16 -5.35 12.99
CA PRO A 114 -11.26 -4.70 12.04
C PRO A 114 -10.07 -5.58 11.63
N TRP A 115 -9.21 -5.03 10.78
CA TRP A 115 -8.02 -5.70 10.26
C TRP A 115 -6.80 -5.02 10.88
N GLY A 116 -5.75 -5.82 11.13
CA GLY A 116 -4.46 -5.29 11.53
C GLY A 116 -3.81 -4.61 10.32
N GLN A 117 -2.67 -3.98 10.53
CA GLN A 117 -2.01 -3.18 9.47
C GLN A 117 -1.39 -4.06 8.39
N GLY A 118 -1.17 -5.34 8.71
CA GLY A 118 -0.50 -6.32 7.84
C GLY A 118 1.00 -6.46 8.14
N THR A 119 1.51 -7.69 8.02
CA THR A 119 2.91 -8.01 8.26
C THR A 119 3.44 -8.50 6.93
N LEU A 120 4.43 -7.79 6.38
CA LEU A 120 5.09 -8.26 5.16
C LEU A 120 6.17 -9.27 5.54
N VAL A 121 5.91 -10.54 5.24
CA VAL A 121 6.85 -11.60 5.49
C VAL A 121 7.63 -11.86 4.20
N THR A 122 8.96 -11.70 4.28
CA THR A 122 9.81 -12.00 3.13
C THR A 122 10.68 -13.18 3.46
N VAL A 123 10.65 -14.18 2.59
CA VAL A 123 11.48 -15.36 2.68
C VAL A 123 12.43 -15.33 1.46
N SER A 124 13.71 -15.28 1.74
CA SER A 124 14.75 -15.12 0.74
C SER A 124 16.07 -15.58 1.28
N SER A 125 16.89 -16.14 0.40
CA SER A 125 18.28 -16.46 0.70
C SER A 125 19.17 -15.25 0.65
N ALA A 126 18.73 -14.19 -0.02
CA ALA A 126 19.53 -12.98 -0.20
C ALA A 126 19.76 -12.25 1.15
N SER A 127 20.89 -11.54 1.24
CA SER A 127 21.29 -10.87 2.45
C SER A 127 20.43 -9.64 2.68
N THR A 128 20.04 -9.46 3.95
CA THR A 128 19.36 -8.26 4.39
C THR A 128 20.35 -7.10 4.36
N LYS A 129 19.87 -5.94 3.89
CA LYS A 129 20.75 -4.81 3.69
C LYS A 129 20.00 -3.52 3.96
N GLY A 130 20.57 -2.69 4.85
CA GLY A 130 19.99 -1.42 5.18
C GLY A 130 20.18 -0.37 4.09
N PRO A 131 19.25 0.60 3.93
CA PRO A 131 19.36 1.62 2.90
C PRO A 131 20.43 2.70 3.16
N SER A 132 20.93 3.31 2.09
CA SER A 132 21.58 4.62 2.16
C SER A 132 20.50 5.66 1.88
N VAL A 133 20.53 6.77 2.63
CA VAL A 133 19.54 7.82 2.49
C VAL A 133 20.27 9.10 2.06
N PHE A 134 19.89 9.63 0.90
CA PHE A 134 20.51 10.83 0.35
C PHE A 134 19.48 11.94 0.18
N PRO A 135 19.88 13.21 0.38
CA PRO A 135 18.95 14.32 0.21
C PRO A 135 18.68 14.59 -1.28
N LEU A 136 17.44 14.97 -1.60
CA LEU A 136 17.09 15.58 -2.85
C LEU A 136 16.83 17.06 -2.47
N ALA A 137 17.90 17.85 -2.58
CA ALA A 137 17.88 19.24 -2.09
C ALA A 137 17.03 20.14 -2.99
N PRO A 138 16.20 21.04 -2.44
CA PRO A 138 15.50 22.00 -3.28
C PRO A 138 16.55 22.99 -3.81
N SER A 139 16.33 23.48 -5.04
CA SER A 139 17.27 24.37 -5.70
C SER A 139 16.53 25.15 -6.74
N SER A 140 17.27 26.01 -7.45
CA SER A 140 16.72 26.70 -8.58
C SER A 140 16.15 25.77 -9.66
N LYS A 141 16.58 24.50 -9.67
CA LYS A 141 16.11 23.51 -10.64
C LYS A 141 14.95 22.63 -10.15
N SER A 142 14.50 22.86 -8.92
CA SER A 142 13.33 22.18 -8.38
C SER A 142 12.33 23.16 -7.76
N THR A 143 12.30 24.39 -8.29
CA THR A 143 11.41 25.44 -7.82
C THR A 143 10.78 26.06 -9.02
N SER A 144 9.44 26.11 -9.01
CA SER A 144 8.65 26.67 -10.07
C SER A 144 7.32 27.17 -9.56
N GLY A 145 6.93 28.37 -9.98
CA GLY A 145 5.56 28.81 -9.73
C GLY A 145 5.24 29.03 -8.25
N GLY A 146 6.29 29.29 -7.46
CA GLY A 146 6.22 29.50 -6.02
C GLY A 146 6.34 28.23 -5.18
N THR A 147 6.46 27.09 -5.85
CA THR A 147 6.53 25.76 -5.22
C THR A 147 7.94 25.22 -5.35
N ALA A 148 8.44 24.62 -4.27
CA ALA A 148 9.73 23.94 -4.26
C ALA A 148 9.47 22.46 -4.01
N ALA A 149 10.10 21.60 -4.79
CA ALA A 149 10.16 20.18 -4.50
C ALA A 149 11.45 19.85 -3.81
N LEU A 150 11.38 18.91 -2.86
CA LEU A 150 12.52 18.38 -2.16
C LEU A 150 12.21 16.93 -1.77
N GLY A 151 13.22 16.18 -1.36
CA GLY A 151 13.00 14.76 -1.10
C GLY A 151 14.16 14.03 -0.49
N CYS A 152 13.99 12.72 -0.37
CA CYS A 152 15.03 11.81 0.03
C CYS A 152 15.03 10.66 -0.98
N LEU A 153 16.23 10.21 -1.31
CA LEU A 153 16.44 9.03 -2.11
C LEU A 153 16.92 7.94 -1.16
N VAL A 154 16.19 6.81 -1.13
CA VAL A 154 16.46 5.73 -0.21
C VAL A 154 16.94 4.58 -1.07
N LYS A 155 18.25 4.33 -1.06
CA LYS A 155 18.86 3.47 -2.07
C LYS A 155 19.48 2.20 -1.49
N ASP A 156 19.39 1.11 -2.26
CA ASP A 156 20.19 -0.10 -2.08
C ASP A 156 19.82 -0.81 -0.78
N TYR A 157 18.57 -1.17 -0.62
CA TYR A 157 18.11 -1.96 0.55
C TYR A 157 17.45 -3.28 0.13
N PHE A 158 17.37 -4.22 1.07
CA PHE A 158 16.68 -5.45 0.88
C PHE A 158 16.31 -6.04 2.24
N PRO A 159 15.12 -6.65 2.40
CA PRO A 159 14.01 -6.60 1.45
C PRO A 159 13.12 -5.39 1.68
N GLU A 160 11.95 -5.35 1.04
CA GLU A 160 10.93 -4.40 1.43
C GLU A 160 10.40 -4.82 2.81
N PRO A 161 9.78 -3.91 3.59
CA PRO A 161 9.53 -2.52 3.19
C PRO A 161 10.38 -1.48 3.94
N VAL A 162 10.46 -0.28 3.35
CA VAL A 162 10.99 0.89 4.02
C VAL A 162 9.79 1.77 4.26
N THR A 163 9.72 2.39 5.44
CA THR A 163 8.73 3.42 5.65
C THR A 163 9.42 4.77 5.68
N VAL A 164 8.72 5.78 5.20
CA VAL A 164 9.22 7.14 5.15
C VAL A 164 8.14 8.05 5.72
N SER A 165 8.55 8.87 6.69
CA SER A 165 7.73 9.99 7.12
C SER A 165 8.54 11.25 6.99
N TRP A 166 7.84 12.39 7.09
CA TRP A 166 8.48 13.68 7.09
C TRP A 166 8.13 14.43 8.35
N ASN A 167 9.16 15.02 8.96
CA ASN A 167 9.02 15.80 10.18
C ASN A 167 8.20 14.98 11.21
N SER A 168 8.60 13.72 11.36
CA SER A 168 8.02 12.79 12.34
C SER A 168 6.51 12.63 12.22
N GLY A 169 5.99 12.76 10.99
CA GLY A 169 4.58 12.63 10.67
C GLY A 169 3.78 13.94 10.62
N ALA A 170 4.39 15.06 11.02
CA ALA A 170 3.75 16.39 10.98
C ALA A 170 3.56 16.95 9.58
N LEU A 171 4.35 16.43 8.62
CA LEU A 171 4.26 16.85 7.23
C LEU A 171 3.74 15.73 6.38
N THR A 172 2.49 15.87 5.93
CA THR A 172 1.86 14.88 5.05
C THR A 172 1.32 15.45 3.75
N SER A 173 0.86 16.71 3.75
CA SER A 173 0.37 17.32 2.53
C SER A 173 1.48 17.39 1.49
N GLY A 174 1.15 17.02 0.27
CA GLY A 174 2.07 17.13 -0.85
C GLY A 174 3.19 16.08 -0.87
N VAL A 175 3.15 15.10 0.04
CA VAL A 175 4.15 14.03 0.06
C VAL A 175 3.76 12.96 -0.98
N HIS A 176 4.76 12.52 -1.74
CA HIS A 176 4.65 11.32 -2.55
C HIS A 176 5.81 10.45 -2.23
N THR A 177 5.52 9.31 -1.61
CA THR A 177 6.55 8.30 -1.40
C THR A 177 6.28 7.25 -2.46
N PHE A 178 7.21 7.12 -3.37
CA PHE A 178 7.01 6.30 -4.58
C PHE A 178 7.18 4.82 -4.28
N PRO A 179 6.50 3.96 -5.08
CA PRO A 179 6.78 2.53 -5.07
C PRO A 179 8.27 2.27 -5.36
N ALA A 180 8.87 1.34 -4.63
CA ALA A 180 10.26 1.01 -4.84
C ALA A 180 10.41 0.39 -6.23
N VAL A 181 11.61 0.54 -6.79
CA VAL A 181 12.00 -0.19 -7.98
C VAL A 181 13.03 -1.22 -7.59
N LEU A 182 13.10 -2.27 -8.40
CA LEU A 182 14.07 -3.35 -8.22
C LEU A 182 15.23 -3.09 -9.12
N GLN A 183 16.39 -2.86 -8.51
CA GLN A 183 17.62 -2.65 -9.26
C GLN A 183 18.15 -3.96 -9.82
N SER A 184 19.05 -3.86 -10.80
CA SER A 184 19.70 -5.01 -11.41
C SER A 184 20.37 -5.92 -10.37
N SER A 185 20.95 -5.31 -9.34
CA SER A 185 21.58 -6.02 -8.21
C SER A 185 20.63 -6.86 -7.36
N GLY A 186 19.32 -6.62 -7.47
CA GLY A 186 18.34 -7.27 -6.64
C GLY A 186 18.06 -6.46 -5.38
N LEU A 187 18.61 -5.25 -5.30
CA LEU A 187 18.35 -4.34 -4.21
C LEU A 187 17.24 -3.42 -4.66
N TYR A 188 16.56 -2.82 -3.68
CA TYR A 188 15.47 -1.86 -3.91
C TYR A 188 15.96 -0.41 -3.76
N SER A 189 15.28 0.50 -4.44
CA SER A 189 15.46 1.93 -4.22
C SER A 189 14.12 2.58 -4.30
N LEU A 190 13.95 3.66 -3.52
CA LEU A 190 12.75 4.48 -3.64
C LEU A 190 13.06 5.91 -3.35
N SER A 191 12.16 6.76 -3.81
CA SER A 191 12.26 8.18 -3.48
C SER A 191 10.99 8.63 -2.79
N SER A 192 11.14 9.63 -1.92
CA SER A 192 10.04 10.28 -1.26
C SER A 192 10.24 11.79 -1.45
N VAL A 193 9.22 12.45 -1.99
CA VAL A 193 9.30 13.87 -2.27
C VAL A 193 8.15 14.61 -1.62
N VAL A 194 8.34 15.90 -1.46
CA VAL A 194 7.33 16.77 -0.96
C VAL A 194 7.44 18.13 -1.67
N THR A 195 6.31 18.75 -1.92
CA THR A 195 6.26 20.12 -2.43
C THR A 195 5.81 21.08 -1.32
N VAL A 196 6.52 22.21 -1.22
CA VAL A 196 6.40 23.15 -0.12
C VAL A 196 6.56 24.55 -0.72
N PRO A 197 6.19 25.62 0.01
CA PRO A 197 6.43 26.98 -0.49
C PRO A 197 7.93 27.25 -0.73
N SER A 198 8.28 27.79 -1.91
CA SER A 198 9.64 28.28 -2.10
C SER A 198 10.01 29.38 -1.11
N SER A 199 9.04 30.23 -0.77
CA SER A 199 9.31 31.43 0.05
C SER A 199 9.86 31.15 1.45
N SER A 200 9.56 29.97 2.02
CA SER A 200 9.90 29.66 3.42
C SER A 200 11.00 28.59 3.56
N LEU A 201 11.74 28.33 2.47
CA LEU A 201 12.88 27.39 2.54
C LEU A 201 13.90 27.80 3.53
N GLY A 202 13.97 29.11 3.83
CA GLY A 202 14.94 29.65 4.78
C GLY A 202 14.56 29.48 6.23
N THR A 203 13.28 29.22 6.50
CA THR A 203 12.79 29.23 7.88
C THR A 203 12.25 27.86 8.34
N GLN A 204 11.85 27.01 7.40
CA GLN A 204 11.34 25.69 7.73
C GLN A 204 12.42 24.62 7.70
N THR A 205 12.22 23.58 8.51
CA THR A 205 13.12 22.43 8.54
C THR A 205 12.38 21.24 8.04
N TYR A 206 13.02 20.49 7.15
CA TYR A 206 12.42 19.30 6.51
C TYR A 206 13.34 18.11 6.73
N ILE A 207 12.82 17.10 7.43
CA ILE A 207 13.60 15.91 7.80
C ILE A 207 12.82 14.69 7.34
N CYS A 208 13.46 13.82 6.56
CA CYS A 208 12.81 12.58 6.20
C CYS A 208 13.25 11.51 7.19
N ASN A 209 12.25 10.77 7.69
CA ASN A 209 12.45 9.75 8.71
C ASN A 209 12.27 8.39 8.00
N VAL A 210 13.36 7.65 7.85
CA VAL A 210 13.40 6.41 7.10
C VAL A 210 13.61 5.27 8.08
N ASN A 211 12.75 4.26 7.99
CA ASN A 211 12.86 3.09 8.85
C ASN A 211 12.88 1.85 7.98
N HIS A 212 13.86 0.99 8.20
CA HIS A 212 13.92 -0.33 7.55
C HIS A 212 14.00 -1.38 8.64
N LYS A 213 12.86 -1.91 9.06
CA LYS A 213 12.82 -2.79 10.22
C LYS A 213 13.68 -4.05 10.04
N PRO A 214 13.71 -4.68 8.85
CA PRO A 214 14.49 -5.92 8.67
C PRO A 214 15.97 -5.75 9.02
N SER A 215 16.56 -4.58 8.77
CA SER A 215 17.94 -4.31 9.11
C SER A 215 18.11 -3.46 10.40
N ASN A 216 16.99 -3.21 11.09
CA ASN A 216 16.95 -2.28 12.24
C ASN A 216 17.65 -0.95 11.97
N THR A 217 17.38 -0.37 10.79
CA THR A 217 17.95 0.88 10.35
C THR A 217 16.92 1.98 10.54
N LYS A 218 17.33 3.09 11.16
CA LYS A 218 16.53 4.29 11.30
C LYS A 218 17.45 5.44 10.96
N VAL A 219 17.06 6.24 9.98
CA VAL A 219 17.80 7.42 9.57
C VAL A 219 16.87 8.62 9.57
N ASP A 220 17.31 9.74 10.17
CA ASP A 220 16.62 11.01 10.05
C ASP A 220 17.55 11.91 9.25
N LYS A 221 17.12 12.30 8.04
CA LYS A 221 17.97 13.07 7.13
C LYS A 221 17.37 14.45 6.89
N LYS A 222 18.11 15.47 7.32
CA LYS A 222 17.71 16.85 7.18
C LYS A 222 18.00 17.22 5.72
N VAL A 223 17.01 17.79 5.03
CA VAL A 223 17.13 18.17 3.63
C VAL A 223 17.15 19.70 3.55
N GLU A 224 18.33 20.24 3.24
CA GLU A 224 18.59 21.68 3.18
C GLU A 224 18.71 22.15 1.74
N PRO A 225 18.32 23.41 1.46
CA PRO A 225 18.45 23.97 0.11
C PRO A 225 19.90 23.92 -0.39
N LYS A 226 20.06 23.74 -1.70
CA LYS A 226 21.34 23.59 -2.31
C LYS A 226 22.09 24.90 -2.10
N SER A 227 23.39 24.80 -1.79
CA SER A 227 24.23 25.95 -1.52
C SER A 227 25.63 25.69 -2.05
N GLU B 1 -15.57 -25.01 -2.84
CA GLU B 1 -15.81 -23.66 -2.24
C GLU B 1 -16.81 -22.86 -3.04
N ILE B 2 -17.41 -21.85 -2.41
CA ILE B 2 -18.25 -20.87 -3.07
C ILE B 2 -17.34 -19.84 -3.76
N VAL B 3 -17.46 -19.73 -5.09
CA VAL B 3 -16.71 -18.77 -5.89
C VAL B 3 -17.55 -17.49 -6.03
N LEU B 4 -16.91 -16.36 -5.72
CA LEU B 4 -17.50 -15.04 -5.88
C LEU B 4 -16.82 -14.35 -7.08
N THR B 5 -17.66 -13.86 -8.01
CA THR B 5 -17.18 -13.19 -9.21
C THR B 5 -17.75 -11.79 -9.24
N GLN B 6 -16.83 -10.81 -9.21
CA GLN B 6 -17.18 -9.41 -9.24
C GLN B 6 -17.20 -8.96 -10.66
N SER B 7 -18.14 -8.06 -10.97
CA SER B 7 -18.21 -7.40 -12.27
C SER B 7 -18.52 -5.92 -12.08
N PRO B 8 -17.83 -5.03 -12.81
CA PRO B 8 -16.69 -5.41 -13.65
C PRO B 8 -15.41 -5.56 -12.82
N SER B 9 -14.31 -5.98 -13.45
CA SER B 9 -13.02 -6.12 -12.78
C SER B 9 -12.30 -4.81 -12.58
N SER B 10 -12.57 -3.84 -13.47
CA SER B 10 -12.05 -2.47 -13.34
C SER B 10 -13.14 -1.55 -13.74
N VAL B 11 -13.25 -0.42 -13.05
CA VAL B 11 -14.12 0.65 -13.45
C VAL B 11 -13.38 1.99 -13.31
N SER B 12 -13.70 2.88 -14.25
CA SER B 12 -13.17 4.21 -14.31
C SER B 12 -14.42 5.11 -14.44
N ALA B 13 -14.54 6.10 -13.56
CA ALA B 13 -15.70 6.95 -13.53
C ALA B 13 -15.30 8.33 -13.01
N SER B 14 -16.18 9.30 -13.25
CA SER B 14 -15.94 10.71 -12.95
C SER B 14 -16.45 10.98 -11.53
N VAL B 15 -15.86 11.97 -10.88
CA VAL B 15 -16.40 12.48 -9.63
C VAL B 15 -17.89 12.88 -9.82
N GLY B 16 -18.73 12.44 -8.89
CA GLY B 16 -20.16 12.63 -8.97
C GLY B 16 -20.97 11.53 -9.64
N ASP B 17 -20.33 10.62 -10.37
CA ASP B 17 -21.02 9.53 -11.07
C ASP B 17 -21.47 8.49 -10.03
N ARG B 18 -22.52 7.74 -10.38
CA ARG B 18 -23.00 6.54 -9.65
CA ARG B 18 -23.00 6.55 -9.64
C ARG B 18 -22.16 5.35 -10.11
N VAL B 19 -21.52 4.64 -9.19
CA VAL B 19 -20.78 3.45 -9.55
C VAL B 19 -21.48 2.25 -8.91
N THR B 20 -21.58 1.16 -9.68
CA THR B 20 -22.20 -0.06 -9.25
C THR B 20 -21.26 -1.20 -9.55
N ILE B 21 -21.03 -2.05 -8.56
CA ILE B 21 -20.20 -3.23 -8.67
C ILE B 21 -21.07 -4.40 -8.24
N THR B 22 -21.07 -5.48 -9.02
CA THR B 22 -21.87 -6.64 -8.69
C THR B 22 -20.97 -7.79 -8.23
N CYS B 23 -21.52 -8.63 -7.34
CA CYS B 23 -20.88 -9.86 -6.89
C CYS B 23 -21.93 -10.94 -7.13
N ARG B 24 -21.54 -11.98 -7.87
CA ARG B 24 -22.37 -13.18 -8.15
C ARG B 24 -21.70 -14.37 -7.48
N ALA B 25 -22.44 -15.09 -6.63
CA ALA B 25 -21.95 -16.23 -5.90
C ALA B 25 -22.35 -17.48 -6.64
N SER B 26 -21.48 -18.49 -6.62
CA SER B 26 -21.70 -19.77 -7.29
C SER B 26 -22.84 -20.59 -6.67
N GLN B 27 -23.10 -20.41 -5.37
CA GLN B 27 -24.28 -20.98 -4.70
C GLN B 27 -24.87 -19.89 -3.83
N GLY B 28 -26.10 -20.13 -3.36
CA GLY B 28 -26.76 -19.24 -2.42
C GLY B 28 -25.96 -19.06 -1.15
N ILE B 29 -25.86 -17.81 -0.68
CA ILE B 29 -25.20 -17.46 0.58
C ILE B 29 -26.14 -16.63 1.46
N SER B 30 -27.43 -16.68 1.13
CA SER B 30 -28.48 -15.93 1.81
C SER B 30 -28.17 -14.42 1.72
N SER B 31 -27.99 -13.73 2.85
CA SER B 31 -27.60 -12.32 2.82
C SER B 31 -26.21 -12.07 3.42
N TRP B 32 -25.38 -13.11 3.46
CA TRP B 32 -24.15 -13.05 4.23
C TRP B 32 -23.00 -12.70 3.32
N LEU B 33 -23.06 -11.47 2.82
CA LEU B 33 -22.03 -10.90 1.94
C LEU B 33 -21.57 -9.57 2.54
N ALA B 34 -20.26 -9.40 2.66
CA ALA B 34 -19.67 -8.15 3.12
C ALA B 34 -18.86 -7.55 1.99
N TRP B 35 -18.72 -6.23 2.04
CA TRP B 35 -17.92 -5.45 1.08
C TRP B 35 -16.83 -4.73 1.80
N TYR B 36 -15.65 -4.69 1.18
CA TYR B 36 -14.42 -4.08 1.73
C TYR B 36 -13.82 -3.12 0.70
N GLN B 37 -13.21 -2.07 1.22
CA GLN B 37 -12.41 -1.14 0.44
C GLN B 37 -10.97 -1.33 0.89
N GLN B 38 -10.06 -1.42 -0.08
CA GLN B 38 -8.64 -1.51 0.21
C GLN B 38 -7.87 -0.53 -0.68
N LYS B 39 -7.24 0.44 -0.04
CA LYS B 39 -6.29 1.37 -0.70
C LYS B 39 -4.91 0.74 -0.89
N PRO B 40 -4.08 1.16 -1.87
CA PRO B 40 -2.78 0.54 -2.07
C PRO B 40 -1.91 0.66 -0.82
N GLY B 41 -1.24 -0.44 -0.48
CA GLY B 41 -0.38 -0.51 0.67
C GLY B 41 -1.08 -0.56 2.03
N LYS B 42 -2.41 -0.62 2.03
CA LYS B 42 -3.16 -0.54 3.32
C LYS B 42 -4.04 -1.75 3.49
N ALA B 43 -4.46 -1.99 4.74
CA ALA B 43 -5.33 -3.10 5.04
C ALA B 43 -6.74 -2.85 4.53
N PRO B 44 -7.51 -3.90 4.18
CA PRO B 44 -8.93 -3.71 3.84
C PRO B 44 -9.70 -3.08 5.00
N LYS B 45 -10.78 -2.37 4.68
CA LYS B 45 -11.72 -1.81 5.63
C LYS B 45 -13.11 -2.26 5.26
N LEU B 46 -13.89 -2.70 6.27
CA LEU B 46 -15.26 -3.06 6.04
C LEU B 46 -16.11 -1.84 5.70
N LEU B 47 -16.93 -1.97 4.65
CA LEU B 47 -17.90 -0.94 4.27
C LEU B 47 -19.31 -1.39 4.60
N ILE B 48 -19.63 -2.62 4.20
CA ILE B 48 -20.98 -3.19 4.30
C ILE B 48 -20.88 -4.59 4.84
N TYR B 49 -21.80 -4.97 5.75
CA TYR B 49 -21.92 -6.37 6.24
C TYR B 49 -23.39 -6.78 6.15
N ALA B 50 -23.66 -8.09 6.09
CA ALA B 50 -25.00 -8.62 5.96
C ALA B 50 -25.73 -8.01 4.76
N ALA B 51 -24.99 -7.86 3.64
CA ALA B 51 -25.49 -7.43 2.34
C ALA B 51 -25.82 -5.94 2.25
N SER B 52 -26.42 -5.37 3.31
CA SER B 52 -26.94 -4.01 3.24
C SER B 52 -26.71 -3.11 4.45
N SER B 53 -26.04 -3.64 5.48
CA SER B 53 -25.79 -2.85 6.68
C SER B 53 -24.54 -2.05 6.52
N LEU B 54 -24.67 -0.72 6.64
CA LEU B 54 -23.55 0.17 6.50
C LEU B 54 -22.75 0.25 7.79
N GLN B 55 -21.44 0.02 7.67
CA GLN B 55 -20.53 0.17 8.80
C GLN B 55 -20.56 1.62 9.34
N SER B 56 -20.52 1.74 10.67
CA SER B 56 -20.45 3.03 11.32
C SER B 56 -19.29 3.86 10.82
N GLY B 57 -19.54 5.13 10.50
CA GLY B 57 -18.51 6.05 10.04
C GLY B 57 -18.25 6.03 8.54
N VAL B 58 -18.76 5.00 7.85
CA VAL B 58 -18.69 4.93 6.40
C VAL B 58 -19.73 5.87 5.80
N PRO B 59 -19.35 6.73 4.82
CA PRO B 59 -20.27 7.72 4.27
C PRO B 59 -21.51 7.03 3.68
N SER B 60 -22.66 7.70 3.75
CA SER B 60 -23.92 7.15 3.31
C SER B 60 -24.04 7.01 1.79
N ARG B 61 -23.09 7.56 1.03
CA ARG B 61 -23.05 7.34 -0.45
C ARG B 61 -22.78 5.85 -0.74
N PHE B 62 -22.26 5.09 0.23
CA PHE B 62 -22.08 3.65 0.06
C PHE B 62 -23.33 2.89 0.48
N SER B 63 -23.76 1.95 -0.37
CA SER B 63 -24.89 1.11 -0.03
C SER B 63 -24.76 -0.25 -0.71
N GLY B 64 -25.32 -1.27 -0.06
CA GLY B 64 -25.31 -2.61 -0.57
C GLY B 64 -26.71 -3.14 -0.67
N SER B 65 -26.92 -4.05 -1.61
CA SER B 65 -28.18 -4.73 -1.72
C SER B 65 -27.99 -6.10 -2.32
N GLY B 66 -29.06 -6.90 -2.28
CA GLY B 66 -29.06 -8.22 -2.87
C GLY B 66 -29.31 -9.26 -1.80
N SER B 67 -29.55 -10.50 -2.26
CA SER B 67 -29.62 -11.70 -1.44
C SER B 67 -29.53 -12.89 -2.39
N GLY B 68 -29.30 -14.09 -1.84
CA GLY B 68 -29.17 -15.30 -2.63
C GLY B 68 -27.82 -15.34 -3.30
N THR B 69 -27.78 -15.04 -4.60
CA THR B 69 -26.55 -15.15 -5.38
C THR B 69 -26.14 -13.87 -6.14
N ASP B 70 -26.93 -12.80 -6.04
CA ASP B 70 -26.70 -11.57 -6.82
C ASP B 70 -26.73 -10.39 -5.86
N PHE B 71 -25.57 -9.72 -5.70
CA PHE B 71 -25.38 -8.62 -4.78
C PHE B 71 -24.77 -7.43 -5.49
N THR B 72 -25.03 -6.24 -4.95
CA THR B 72 -24.56 -5.01 -5.57
C THR B 72 -24.01 -4.04 -4.53
N LEU B 73 -22.82 -3.48 -4.80
CA LEU B 73 -22.31 -2.35 -4.06
C LEU B 73 -22.48 -1.12 -4.91
N THR B 74 -23.08 -0.07 -4.34
CA THR B 74 -23.34 1.17 -5.05
C THR B 74 -22.69 2.33 -4.35
N ILE B 75 -21.96 3.16 -5.10
CA ILE B 75 -21.47 4.43 -4.60
C ILE B 75 -22.29 5.49 -5.34
N SER B 76 -23.12 6.25 -4.63
CA SER B 76 -24.12 7.09 -5.30
C SER B 76 -23.55 8.32 -6.01
N SER B 77 -22.44 8.84 -5.47
CA SER B 77 -21.81 10.04 -5.96
C SER B 77 -20.30 9.93 -5.70
N LEU B 78 -19.57 9.40 -6.67
CA LEU B 78 -18.15 9.11 -6.51
C LEU B 78 -17.31 10.31 -6.11
N GLN B 79 -16.42 10.09 -5.14
CA GLN B 79 -15.50 11.10 -4.65
C GLN B 79 -14.08 10.64 -4.95
N PRO B 80 -13.10 11.57 -5.05
CA PRO B 80 -11.71 11.20 -5.33
C PRO B 80 -11.14 10.17 -4.35
N GLU B 81 -11.51 10.29 -3.08
CA GLU B 81 -11.02 9.38 -2.05
C GLU B 81 -11.57 7.94 -2.15
N ASP B 82 -12.48 7.69 -3.10
CA ASP B 82 -13.00 6.35 -3.33
C ASP B 82 -12.11 5.47 -4.22
N PHE B 83 -11.07 6.05 -4.82
CA PHE B 83 -10.06 5.29 -5.51
C PHE B 83 -9.57 4.18 -4.55
N ALA B 84 -9.68 2.94 -5.01
CA ALA B 84 -9.44 1.74 -4.18
C ALA B 84 -9.72 0.48 -4.98
N THR B 85 -9.37 -0.67 -4.38
CA THR B 85 -9.84 -1.97 -4.80
C THR B 85 -10.96 -2.37 -3.83
N TYR B 86 -12.07 -2.84 -4.39
CA TYR B 86 -13.26 -3.27 -3.62
C TYR B 86 -13.38 -4.79 -3.69
N TYR B 87 -13.73 -5.43 -2.57
CA TYR B 87 -13.86 -6.89 -2.49
C TYR B 87 -15.19 -7.23 -1.84
N CYS B 88 -15.83 -8.28 -2.33
CA CYS B 88 -16.95 -8.89 -1.63
C CYS B 88 -16.40 -10.12 -0.92
N GLN B 89 -17.15 -10.60 0.08
CA GLN B 89 -16.73 -11.75 0.87
C GLN B 89 -17.97 -12.45 1.43
N GLN B 90 -18.05 -13.77 1.22
CA GLN B 90 -19.13 -14.57 1.81
C GLN B 90 -18.65 -15.18 3.12
N GLY B 91 -19.54 -15.16 4.12
CA GLY B 91 -19.29 -15.67 5.45
C GLY B 91 -20.32 -16.70 5.87
N ASN B 92 -20.96 -17.33 4.88
CA ASN B 92 -22.04 -18.28 5.10
C ASN B 92 -21.53 -19.70 5.27
N SER B 93 -20.41 -20.02 4.62
CA SER B 93 -19.96 -21.37 4.37
C SER B 93 -18.44 -21.46 4.40
N PHE B 94 -17.88 -22.50 5.02
CA PHE B 94 -16.41 -22.72 4.95
C PHE B 94 -15.99 -23.38 3.64
N PRO B 95 -14.84 -23.02 3.03
CA PRO B 95 -14.00 -21.90 3.47
C PRO B 95 -14.59 -20.54 3.10
N TYR B 96 -14.37 -19.52 3.93
CA TYR B 96 -14.72 -18.13 3.59
C TYR B 96 -13.91 -17.71 2.35
N THR B 97 -14.59 -17.06 1.41
CA THR B 97 -14.00 -16.66 0.13
C THR B 97 -14.28 -15.20 -0.14
N PHE B 98 -13.38 -14.59 -0.91
CA PHE B 98 -13.48 -13.23 -1.39
C PHE B 98 -13.61 -13.25 -2.89
N GLY B 99 -14.20 -12.19 -3.44
CA GLY B 99 -14.20 -11.96 -4.86
C GLY B 99 -12.81 -11.58 -5.30
N GLN B 100 -12.62 -11.51 -6.63
CA GLN B 100 -11.28 -11.30 -7.17
C GLN B 100 -10.79 -9.86 -7.01
N GLY B 101 -11.71 -8.96 -6.68
CA GLY B 101 -11.44 -7.55 -6.49
C GLY B 101 -11.77 -6.75 -7.72
N THR B 102 -12.31 -5.54 -7.49
CA THR B 102 -12.59 -4.57 -8.55
C THR B 102 -11.81 -3.32 -8.28
N ASN B 103 -10.96 -2.92 -9.23
CA ASN B 103 -10.23 -1.65 -9.15
C ASN B 103 -11.08 -0.51 -9.63
N LEU B 104 -11.22 0.51 -8.80
CA LEU B 104 -11.97 1.70 -9.13
C LEU B 104 -10.97 2.84 -9.33
N GLU B 105 -11.01 3.46 -10.50
CA GLU B 105 -10.18 4.63 -10.80
C GLU B 105 -11.04 5.85 -11.15
N ILE B 106 -10.50 7.05 -10.92
CA ILE B 106 -11.22 8.27 -11.17
C ILE B 106 -10.75 8.81 -12.54
N LYS B 107 -11.71 9.12 -13.42
CA LYS B 107 -11.46 9.95 -14.60
C LYS B 107 -11.59 11.42 -14.22
N ARG B 108 -10.70 12.25 -14.75
CA ARG B 108 -10.69 13.71 -14.49
C ARG B 108 -10.10 14.44 -15.72
N THR B 109 -10.04 15.76 -15.67
CA THR B 109 -9.49 16.56 -16.75
C THR B 109 -7.96 16.36 -16.85
N VAL B 110 -7.41 16.71 -18.00
CA VAL B 110 -5.98 16.66 -18.19
C VAL B 110 -5.30 17.65 -17.25
N ALA B 111 -4.19 17.23 -16.66
CA ALA B 111 -3.28 18.07 -15.86
C ALA B 111 -1.84 17.81 -16.27
N ALA B 112 -1.14 18.89 -16.67
CA ALA B 112 0.22 18.78 -17.10
C ALA B 112 1.11 18.56 -15.88
N PRO B 113 2.22 17.81 -16.01
CA PRO B 113 3.17 17.65 -14.92
C PRO B 113 3.97 18.93 -14.65
N SER B 114 4.27 19.17 -13.37
CA SER B 114 5.32 20.12 -12.97
C SER B 114 6.59 19.26 -12.93
N VAL B 115 7.67 19.75 -13.55
CA VAL B 115 8.88 18.98 -13.72
C VAL B 115 10.01 19.60 -12.92
N PHE B 116 10.72 18.77 -12.14
CA PHE B 116 11.78 19.20 -11.24
C PHE B 116 12.96 18.23 -11.44
N ILE B 117 14.20 18.71 -11.23
CA ILE B 117 15.35 17.83 -11.37
C ILE B 117 16.28 18.02 -10.20
N PHE B 118 16.96 16.94 -9.79
CA PHE B 118 17.85 16.91 -8.65
C PHE B 118 19.18 16.27 -9.02
N PRO B 119 20.28 17.05 -8.99
CA PRO B 119 21.62 16.48 -9.09
C PRO B 119 21.90 15.50 -7.96
N PRO B 120 22.93 14.64 -8.10
CA PRO B 120 23.36 13.81 -6.98
C PRO B 120 23.84 14.70 -5.82
N SER B 121 23.64 14.20 -4.61
CA SER B 121 24.13 14.83 -3.41
C SER B 121 25.65 14.61 -3.35
N ASP B 122 26.36 15.52 -2.66
CA ASP B 122 27.80 15.32 -2.45
C ASP B 122 28.06 14.07 -1.65
N GLU B 123 27.13 13.76 -0.73
CA GLU B 123 27.22 12.58 0.09
C GLU B 123 27.26 11.30 -0.74
N GLN B 124 26.38 11.20 -1.74
CA GLN B 124 26.37 10.02 -2.60
C GLN B 124 27.64 9.94 -3.45
N LEU B 125 28.06 11.08 -3.98
CA LEU B 125 29.28 11.13 -4.79
C LEU B 125 30.47 10.57 -4.01
N LYS B 126 30.53 10.88 -2.71
CA LYS B 126 31.59 10.32 -1.85
C LYS B 126 31.66 8.79 -1.91
N SER B 127 30.50 8.16 -2.10
CA SER B 127 30.37 6.71 -2.11
C SER B 127 30.65 6.04 -3.47
N GLY B 128 30.88 6.85 -4.51
CA GLY B 128 31.26 6.38 -5.84
C GLY B 128 30.18 6.29 -6.91
N THR B 129 28.97 6.78 -6.59
CA THR B 129 27.80 6.65 -7.45
C THR B 129 27.08 7.98 -7.56
N ALA B 130 26.39 8.19 -8.68
CA ALA B 130 25.70 9.42 -8.95
C ALA B 130 24.32 9.07 -9.44
N SER B 131 23.30 9.45 -8.68
CA SER B 131 21.90 9.32 -9.09
C SER B 131 21.33 10.70 -9.33
N VAL B 132 20.77 10.90 -10.52
CA VAL B 132 20.07 12.11 -10.89
C VAL B 132 18.59 11.75 -10.93
N VAL B 133 17.75 12.60 -10.32
CA VAL B 133 16.33 12.30 -10.19
C VAL B 133 15.51 13.35 -10.87
N CYS B 134 14.55 12.90 -11.69
CA CYS B 134 13.60 13.76 -12.38
C CYS B 134 12.20 13.44 -11.80
N LEU B 135 11.51 14.47 -11.26
CA LEU B 135 10.19 14.34 -10.71
C LEU B 135 9.18 15.01 -11.62
N LEU B 136 8.12 14.27 -11.96
CA LEU B 136 6.95 14.74 -12.67
C LEU B 136 5.85 14.72 -11.68
N ASN B 137 5.39 15.90 -11.27
CA ASN B 137 4.39 15.99 -10.22
C ASN B 137 2.98 16.31 -10.70
N ASN B 138 2.01 15.51 -10.22
CA ASN B 138 0.60 15.77 -10.24
C ASN B 138 0.02 15.98 -11.62
N PHE B 139 0.05 14.92 -12.43
CA PHE B 139 -0.40 14.97 -13.77
C PHE B 139 -1.48 13.95 -14.01
N TYR B 140 -2.20 14.17 -15.10
CA TYR B 140 -3.29 13.29 -15.58
C TYR B 140 -3.47 13.49 -17.07
N PRO B 141 -3.61 12.42 -17.89
CA PRO B 141 -3.64 11.03 -17.46
C PRO B 141 -2.25 10.44 -17.13
N ARG B 142 -2.22 9.16 -16.76
CA ARG B 142 -1.01 8.50 -16.20
C ARG B 142 0.10 8.37 -17.24
N GLU B 143 -0.23 8.29 -18.52
CA GLU B 143 0.74 8.06 -19.58
C GLU B 143 1.67 9.27 -19.71
N ALA B 144 2.97 9.03 -19.56
CA ALA B 144 3.99 10.07 -19.64
C ALA B 144 5.26 9.39 -20.10
N LYS B 145 6.08 10.14 -20.84
CA LYS B 145 7.34 9.65 -21.34
C LYS B 145 8.46 10.56 -20.82
N VAL B 146 9.47 9.95 -20.19
CA VAL B 146 10.68 10.61 -19.71
C VAL B 146 11.84 10.08 -20.54
N GLN B 147 12.65 10.99 -21.08
CA GLN B 147 13.89 10.65 -21.73
C GLN B 147 15.01 11.37 -21.03
N TRP B 148 16.09 10.64 -20.77
CA TRP B 148 17.29 11.26 -20.25
C TRP B 148 18.29 11.58 -21.36
N LYS B 149 18.90 12.76 -21.26
CA LYS B 149 19.96 13.20 -22.15
C LYS B 149 21.16 13.69 -21.36
N VAL B 150 22.35 13.21 -21.76
CA VAL B 150 23.60 13.60 -21.14
C VAL B 150 24.45 14.19 -22.26
N ASP B 151 24.82 15.47 -22.12
CA ASP B 151 25.48 16.23 -23.20
C ASP B 151 24.72 16.08 -24.53
N ASN B 152 23.39 16.15 -24.41
CA ASN B 152 22.42 16.00 -25.51
C ASN B 152 22.33 14.61 -26.18
N ALA B 153 22.99 13.60 -25.61
CA ALA B 153 22.95 12.22 -26.12
C ALA B 153 21.88 11.44 -25.33
N LEU B 154 20.94 10.84 -26.07
CA LEU B 154 19.82 10.12 -25.48
C LEU B 154 20.34 8.88 -24.79
N GLN B 155 19.89 8.65 -23.56
CA GLN B 155 20.41 7.57 -22.75
C GLN B 155 19.47 6.41 -22.87
N SER B 156 20.02 5.21 -22.79
CA SER B 156 19.22 4.00 -22.65
C SER B 156 19.92 3.09 -21.69
N GLY B 157 19.15 2.43 -20.83
CA GLY B 157 19.65 1.30 -20.06
C GLY B 157 20.16 1.64 -18.67
N ASN B 158 20.11 2.92 -18.28
CA ASN B 158 20.71 3.38 -17.04
C ASN B 158 19.71 4.17 -16.16
N SER B 159 18.41 3.96 -16.38
CA SER B 159 17.44 4.61 -15.55
C SER B 159 16.34 3.62 -15.14
N GLN B 160 15.67 3.97 -14.05
CA GLN B 160 14.46 3.31 -13.56
C GLN B 160 13.42 4.36 -13.17
N GLU B 161 12.14 4.05 -13.34
CA GLU B 161 11.08 4.92 -12.93
C GLU B 161 9.97 4.17 -12.22
N SER B 162 9.23 4.92 -11.41
CA SER B 162 7.96 4.43 -10.87
C SER B 162 6.93 5.52 -10.74
N VAL B 163 5.67 5.11 -10.81
CA VAL B 163 4.53 5.99 -10.76
C VAL B 163 3.77 5.72 -9.47
N THR B 164 3.25 6.79 -8.87
CA THR B 164 2.39 6.68 -7.71
C THR B 164 1.04 6.08 -8.07
N GLU B 165 0.35 5.57 -7.02
CA GLU B 165 -1.06 5.32 -7.10
C GLU B 165 -1.75 6.65 -7.38
N GLN B 166 -2.98 6.57 -7.89
CA GLN B 166 -3.79 7.76 -8.04
C GLN B 166 -3.96 8.46 -6.72
N ASP B 167 -3.82 9.79 -6.74
CA ASP B 167 -3.95 10.64 -5.56
C ASP B 167 -5.39 10.69 -5.08
N SER B 168 -5.60 10.53 -3.77
CA SER B 168 -6.92 10.44 -3.16
C SER B 168 -7.67 11.76 -3.04
N LYS B 169 -6.98 12.87 -3.30
CA LYS B 169 -7.56 14.19 -3.26
C LYS B 169 -7.81 14.81 -4.64
N ASP B 170 -6.85 14.66 -5.56
CA ASP B 170 -6.92 15.35 -6.84
C ASP B 170 -6.89 14.42 -8.07
N SER B 171 -6.82 13.11 -7.82
CA SER B 171 -6.92 12.07 -8.81
C SER B 171 -5.79 12.09 -9.85
N THR B 172 -4.68 12.73 -9.49
CA THR B 172 -3.49 12.78 -10.36
C THR B 172 -2.51 11.69 -10.02
N TYR B 173 -1.47 11.60 -10.86
CA TYR B 173 -0.30 10.72 -10.68
C TYR B 173 0.96 11.57 -10.59
N SER B 174 2.02 11.01 -9.98
CA SER B 174 3.34 11.58 -10.07
C SER B 174 4.28 10.45 -10.49
N LEU B 175 5.45 10.82 -11.01
CA LEU B 175 6.42 9.88 -11.51
C LEU B 175 7.80 10.35 -11.12
N SER B 176 8.64 9.40 -10.68
CA SER B 176 10.01 9.63 -10.34
C SER B 176 10.85 8.77 -11.26
N SER B 177 11.85 9.37 -11.91
CA SER B 177 12.81 8.64 -12.74
C SER B 177 14.19 8.93 -12.21
N THR B 178 15.00 7.88 -12.05
CA THR B 178 16.36 7.99 -11.58
C THR B 178 17.30 7.50 -12.65
N LEU B 179 18.22 8.39 -13.05
CA LEU B 179 19.38 8.06 -13.87
C LEU B 179 20.58 7.76 -12.95
N THR B 180 21.17 6.57 -13.07
CA THR B 180 22.29 6.19 -12.22
C THR B 180 23.53 5.88 -13.01
N LEU B 181 24.61 6.56 -12.62
CA LEU B 181 25.92 6.44 -13.22
C LEU B 181 26.96 6.28 -12.12
N SER B 182 28.14 5.80 -12.50
CA SER B 182 29.30 5.86 -11.65
C SER B 182 29.65 7.33 -11.50
N LYS B 183 30.30 7.68 -10.39
CA LYS B 183 30.89 9.00 -10.21
C LYS B 183 31.82 9.35 -11.35
N ALA B 184 32.68 8.39 -11.74
CA ALA B 184 33.61 8.60 -12.86
C ALA B 184 32.87 9.06 -14.11
N ASP B 185 31.85 8.32 -14.53
CA ASP B 185 31.06 8.69 -15.70
C ASP B 185 30.35 10.01 -15.51
N TYR B 186 29.75 10.22 -14.34
CA TYR B 186 29.05 11.49 -14.03
C TYR B 186 30.01 12.66 -14.23
N GLU B 187 31.25 12.55 -13.71
CA GLU B 187 32.22 13.65 -13.77
C GLU B 187 32.80 13.95 -15.17
N LYS B 188 32.54 13.08 -16.16
CA LYS B 188 33.01 13.24 -17.55
C LYS B 188 32.07 14.01 -18.48
N HIS B 189 30.86 14.30 -18.01
CA HIS B 189 29.84 15.00 -18.80
C HIS B 189 29.37 16.24 -18.05
N LYS B 190 28.79 17.18 -18.79
CA LYS B 190 28.37 18.46 -18.23
C LYS B 190 26.85 18.64 -18.09
N VAL B 191 26.11 18.47 -19.18
CA VAL B 191 24.68 18.80 -19.23
C VAL B 191 23.88 17.53 -18.97
N TYR B 192 23.06 17.58 -17.93
CA TYR B 192 22.14 16.48 -17.54
C TYR B 192 20.71 16.99 -17.70
N ALA B 193 19.92 16.30 -18.54
CA ALA B 193 18.58 16.77 -18.88
C ALA B 193 17.57 15.64 -18.85
N CYS B 194 16.40 15.96 -18.29
CA CYS B 194 15.19 15.18 -18.27
C CYS B 194 14.22 15.80 -19.29
N GLU B 195 13.79 15.03 -20.30
CA GLU B 195 12.83 15.49 -21.29
C GLU B 195 11.48 14.78 -21.16
N VAL B 196 10.40 15.55 -21.00
CA VAL B 196 9.09 15.04 -20.61
C VAL B 196 8.06 15.34 -21.67
N THR B 197 7.38 14.28 -22.11
CA THR B 197 6.28 14.35 -23.06
C THR B 197 5.01 13.90 -22.36
N HIS B 198 3.95 14.70 -22.46
CA HIS B 198 2.67 14.38 -21.84
C HIS B 198 1.56 15.13 -22.57
N GLN B 199 0.35 14.55 -22.57
CA GLN B 199 -0.82 15.15 -23.23
C GLN B 199 -1.07 16.62 -22.83
N GLY B 200 -0.79 16.96 -21.57
CA GLY B 200 -1.00 18.28 -21.01
C GLY B 200 -0.04 19.34 -21.50
N LEU B 201 1.07 18.91 -22.11
CA LEU B 201 2.13 19.79 -22.60
C LEU B 201 2.05 19.98 -24.11
N SER B 202 2.05 21.26 -24.55
CA SER B 202 2.09 21.65 -25.98
C SER B 202 3.22 20.98 -26.73
N SER B 203 4.41 21.02 -26.12
CA SER B 203 5.61 20.45 -26.67
C SER B 203 6.43 19.91 -25.50
N PRO B 204 7.39 19.01 -25.75
CA PRO B 204 8.13 18.40 -24.64
C PRO B 204 8.82 19.48 -23.80
N VAL B 205 8.86 19.26 -22.49
CA VAL B 205 9.53 20.07 -21.52
C VAL B 205 10.86 19.38 -21.23
N THR B 206 11.95 20.14 -21.33
CA THR B 206 13.26 19.70 -20.88
C THR B 206 13.66 20.47 -19.61
N LYS B 207 14.06 19.73 -18.57
CA LYS B 207 14.69 20.30 -17.36
C LYS B 207 16.11 19.82 -17.32
N SER B 208 17.04 20.74 -17.15
CA SER B 208 18.43 20.38 -17.16
C SER B 208 19.24 21.21 -16.21
N PHE B 209 20.44 20.71 -15.91
CA PHE B 209 21.45 21.40 -15.14
C PHE B 209 22.82 21.06 -15.70
N ASN B 210 23.80 21.93 -15.43
CA ASN B 210 25.20 21.69 -15.69
C ASN B 210 25.88 21.26 -14.40
N ARG B 211 26.58 20.12 -14.44
CA ARG B 211 27.36 19.59 -13.29
C ARG B 211 28.36 20.66 -12.82
N GLY B 212 28.96 21.40 -13.74
CA GLY B 212 29.86 22.49 -13.39
C GLY B 212 29.37 23.46 -12.32
N GLU B 213 28.07 23.83 -12.38
CA GLU B 213 27.48 24.93 -11.62
C GLU B 213 26.07 24.59 -11.14
N LEU C 4 -19.66 -17.45 29.43
CA LEU C 4 -19.77 -16.39 28.36
C LEU C 4 -18.77 -16.52 27.21
N ASP C 5 -17.55 -17.00 27.49
CA ASP C 5 -16.65 -17.40 26.41
C ASP C 5 -17.39 -18.43 25.57
N LYS C 6 -18.02 -19.41 26.23
CA LYS C 6 -18.78 -20.43 25.52
C LYS C 6 -20.00 -19.90 24.79
N TYR C 7 -20.69 -18.93 25.41
CA TYR C 7 -21.92 -18.31 24.86
C TYR C 7 -21.58 -17.60 23.55
N PHE C 8 -20.55 -16.77 23.58
CA PHE C 8 -20.18 -15.93 22.43
C PHE C 8 -19.47 -16.69 21.32
N LYS C 9 -19.04 -17.92 21.59
CA LYS C 9 -18.49 -18.76 20.54
C LYS C 9 -19.53 -19.02 19.43
N ASN C 10 -20.80 -19.15 19.81
CA ASN C 10 -21.87 -19.42 18.85
C ASN C 10 -23.13 -18.56 18.98
N HIS C 11 -23.01 -17.39 19.62
CA HIS C 11 -24.05 -16.39 19.57
C HIS C 11 -23.53 -15.11 18.96
N THR C 12 -24.46 -14.30 18.47
CA THR C 12 -24.19 -13.00 17.87
C THR C 12 -23.22 -12.19 18.72
N SER C 13 -22.19 -11.63 18.07
CA SER C 13 -21.15 -10.91 18.79
C SER C 13 -21.70 -9.68 19.52
N PRO C 14 -21.05 -9.28 20.63
CA PRO C 14 -21.52 -8.15 21.43
C PRO C 14 -21.72 -6.84 20.67
N ASP C 15 -20.91 -6.57 19.63
CA ASP C 15 -21.02 -5.30 18.93
C ASP C 15 -21.95 -5.33 17.73
N VAL C 16 -22.60 -6.47 17.46
CA VAL C 16 -23.37 -6.67 16.23
C VAL C 16 -24.82 -6.30 16.42
N ASP C 17 -25.34 -5.46 15.52
CA ASP C 17 -26.74 -5.07 15.50
C ASP C 17 -27.22 -5.01 14.03
N LEU C 18 -28.09 -5.97 13.66
CA LEU C 18 -28.54 -6.20 12.27
C LEU C 18 -27.47 -6.94 11.46
C1 GOL D . 6.40 -23.67 -4.45
O1 GOL D . 7.65 -23.01 -4.26
C2 GOL D . 5.36 -22.72 -5.02
O2 GOL D . 5.32 -22.86 -6.44
C3 GOL D . 3.97 -22.94 -4.47
O3 GOL D . 2.97 -22.54 -5.41
S SO4 E . -16.59 -6.09 23.79
O1 SO4 E . -15.50 -7.01 23.89
O2 SO4 E . -17.65 -6.50 24.69
O3 SO4 E . -17.08 -6.09 22.43
O4 SO4 E . -16.14 -4.76 24.15
C1 GOL F . 23.54 -0.79 -9.63
O1 GOL F . 22.91 -0.47 -8.39
C2 GOL F . 22.57 -1.50 -10.54
O2 GOL F . 21.97 -2.57 -9.83
C3 GOL F . 21.52 -0.58 -11.12
O3 GOL F . 20.36 -1.30 -11.56
C1 GOL G . 0.43 8.86 -3.02
O1 GOL G . 1.68 9.47 -3.35
C2 GOL G . -0.69 9.87 -2.85
O2 GOL G . -0.71 10.73 -3.98
C3 GOL G . -2.05 9.21 -2.64
O3 GOL G . -3.05 10.11 -2.18
C1 GOL H . -18.76 -5.25 13.43
O1 GOL H . -18.61 -5.27 12.01
C2 GOL H . -19.73 -4.18 13.87
O2 GOL H . -19.23 -2.89 13.52
C3 GOL H . -21.12 -4.35 13.28
O3 GOL H . -22.09 -3.64 14.04
S SO4 I . -18.07 -13.13 32.58
O1 SO4 I . -18.05 -14.53 32.24
O2 SO4 I . -19.31 -12.80 33.23
O3 SO4 I . -17.92 -12.34 31.40
O4 SO4 I . -16.99 -12.84 33.49
C1 GOL J . 12.78 5.79 -9.18
O1 GOL J . 13.04 7.19 -9.30
C2 GOL J . 12.52 5.37 -7.75
O2 GOL J . 13.48 5.97 -6.87
C3 GOL J . 11.13 5.73 -7.27
O3 GOL J . 10.80 5.04 -6.07
C1 GOL K . 25.72 16.34 1.05
O1 GOL K . 24.79 15.31 0.72
C2 GOL K . 25.27 17.68 0.51
O2 GOL K . 24.97 17.56 -0.88
C3 GOL K . 24.08 18.24 1.25
O3 GOL K . 24.38 18.54 2.61
C1 GOL L . -29.48 -13.64 17.11
O1 GOL L . -30.67 -13.84 16.36
C2 GOL L . -29.55 -12.43 18.01
O2 GOL L . -28.48 -11.54 17.72
C3 GOL L . -30.86 -11.69 17.92
O3 GOL L . -31.29 -11.19 19.20
#